data_2X3M
#
_entry.id   2X3M
#
_cell.length_a   42.898
_cell.length_b   53.715
_cell.length_c   95.193
_cell.angle_alpha   90.00
_cell.angle_beta   90.00
_cell.angle_gamma   90.00
#
_symmetry.space_group_name_H-M   'P 21 21 21'
#
loop_
_entity.id
_entity.type
_entity.pdbx_description
1 polymer 'HYPOTHETICAL PROTEIN ORF239'
2 water water
#
_entity_poly.entity_id   1
_entity_poly.type   'polypeptide(L)'
_entity_poly.pdbx_seq_one_letter_code
;GMSAFDEFNEGFGLDVSDTPEELAFETESAIEEIESETSPGDQPKGSEPEEIRVWAEEKARKAVEEGREVTNWADWIMGW
RTPNASEKKMEFMYWYTRTYLEEAKDIRPDIADALARGMAGLAFGRTDWVASMLDPQIMRHIYTDPEVARIYSETRDMLR
RVSDYYISLTTMELGKVADIIAEAKAKGENPEVVAREIAEAVPRLSPKSLYFNLYYIGRSIGDNYVLEVARVLSKMRRR
;
_entity_poly.pdbx_strand_id   A
#
# COMPACT_ATOMS: atom_id res chain seq x y z
N THR A 71 -18.34 -6.04 -7.72
CA THR A 71 -18.42 -7.14 -6.72
C THR A 71 -17.11 -7.31 -5.97
N ASN A 72 -16.00 -7.16 -6.68
CA ASN A 72 -14.67 -7.40 -6.13
C ASN A 72 -13.68 -6.44 -6.79
N TRP A 73 -12.84 -5.77 -5.99
CA TRP A 73 -11.95 -4.74 -6.52
C TRP A 73 -10.91 -5.27 -7.52
N ALA A 74 -10.39 -6.46 -7.28
CA ALA A 74 -9.41 -7.06 -8.20
C ALA A 74 -10.04 -7.29 -9.56
N ASP A 75 -11.21 -7.91 -9.59
CA ASP A 75 -11.90 -8.18 -10.86
C ASP A 75 -12.22 -6.88 -11.59
N TRP A 76 -12.61 -5.86 -10.83
CA TRP A 76 -12.94 -4.57 -11.40
C TRP A 76 -11.70 -3.91 -12.02
N ILE A 77 -10.60 -3.90 -11.29
CA ILE A 77 -9.32 -3.40 -11.80
C ILE A 77 -8.91 -4.13 -13.09
N MET A 78 -9.01 -5.45 -13.07
CA MET A 78 -8.67 -6.28 -14.23
C MET A 78 -9.52 -5.96 -15.46
N GLY A 79 -10.77 -5.53 -15.22
CA GLY A 79 -11.68 -5.17 -16.30
C GLY A 79 -11.23 -3.98 -17.14
N TRP A 80 -10.43 -3.10 -16.55
CA TRP A 80 -9.90 -1.93 -17.25
C TRP A 80 -8.72 -2.26 -18.17
N ARG A 81 -8.18 -3.46 -18.07
CA ARG A 81 -7.00 -3.82 -18.85
C ARG A 81 -7.28 -3.95 -20.34
N THR A 82 -6.44 -3.28 -21.12
CA THR A 82 -6.39 -3.46 -22.57
C THR A 82 -4.91 -3.38 -22.96
N PRO A 83 -4.52 -4.08 -24.03
CA PRO A 83 -3.11 -4.01 -24.44
C PRO A 83 -2.69 -2.57 -24.76
N ASN A 84 -1.53 -2.16 -24.24
CA ASN A 84 -0.94 -0.86 -24.54
C ASN A 84 -1.91 0.30 -24.28
N ALA A 85 -2.55 0.28 -23.12
CA ALA A 85 -3.55 1.29 -22.77
C ALA A 85 -2.98 2.70 -22.94
N SER A 86 -3.73 3.56 -23.62
CA SER A 86 -3.31 4.94 -23.84
C SER A 86 -3.30 5.73 -22.54
N GLU A 87 -2.52 6.82 -22.51
CA GLU A 87 -2.50 7.72 -21.36
C GLU A 87 -3.90 8.23 -21.01
N LYS A 88 -4.67 8.59 -22.04
CA LYS A 88 -6.05 9.07 -21.83
C LYS A 88 -6.91 8.00 -21.17
N LYS A 89 -6.80 6.76 -21.63
CA LYS A 89 -7.57 5.65 -21.07
C LYS A 89 -7.19 5.39 -19.63
N MET A 90 -5.89 5.42 -19.34
CA MET A 90 -5.42 5.18 -17.98
C MET A 90 -5.86 6.29 -17.02
N GLU A 91 -5.80 7.53 -17.47
N GLU A 91 -5.79 7.53 -17.48
CA GLU A 91 -6.25 8.64 -16.63
CA GLU A 91 -6.25 8.66 -16.69
C GLU A 91 -7.77 8.63 -16.44
C GLU A 91 -7.75 8.61 -16.45
N PHE A 92 -8.50 8.14 -17.45
CA PHE A 92 -9.96 7.99 -17.32
C PHE A 92 -10.30 6.98 -16.23
N MET A 93 -9.58 5.85 -16.24
CA MET A 93 -9.74 4.84 -15.19
C MET A 93 -9.45 5.44 -13.81
N TYR A 94 -8.32 6.13 -13.70
CA TYR A 94 -7.94 6.77 -12.43
C TYR A 94 -9.03 7.71 -11.92
N TRP A 95 -9.52 8.55 -12.82
N TRP A 95 -9.50 8.60 -12.81
CA TRP A 95 -10.50 9.55 -12.44
CA TRP A 95 -10.55 9.58 -12.47
C TRP A 95 -11.85 8.93 -12.07
C TRP A 95 -11.83 8.90 -12.05
N TYR A 96 -12.24 7.89 -12.82
CA TYR A 96 -13.47 7.16 -12.54
C TYR A 96 -13.40 6.55 -11.14
N THR A 97 -12.26 5.93 -10.85
CA THR A 97 -12.04 5.27 -9.58
C THR A 97 -12.04 6.29 -8.43
N ARG A 98 -11.25 7.36 -8.59
N ARG A 98 -11.26 7.36 -8.59
CA ARG A 98 -11.15 8.38 -7.54
CA ARG A 98 -11.15 8.38 -7.54
C ARG A 98 -12.50 9.00 -7.25
C ARG A 98 -12.50 9.02 -7.24
N THR A 99 -13.24 9.36 -8.30
CA THR A 99 -14.53 10.02 -8.15
C THR A 99 -15.57 9.06 -7.54
N TYR A 100 -15.51 7.78 -7.91
CA TYR A 100 -16.36 6.78 -7.26
C TYR A 100 -16.08 6.71 -5.75
N LEU A 101 -14.80 6.63 -5.39
CA LEU A 101 -14.43 6.54 -3.99
C LEU A 101 -14.90 7.77 -3.20
N GLU A 102 -14.76 8.95 -3.80
CA GLU A 102 -15.22 10.18 -3.16
C GLU A 102 -16.74 10.24 -3.04
N GLU A 103 -17.43 9.95 -4.14
CA GLU A 103 -18.87 10.21 -4.23
C GLU A 103 -19.71 9.08 -3.68
N ALA A 104 -19.33 7.84 -3.99
CA ALA A 104 -20.10 6.67 -3.57
C ALA A 104 -19.67 6.16 -2.18
N LYS A 105 -18.39 6.31 -1.85
CA LYS A 105 -17.86 5.78 -0.59
C LYS A 105 -17.43 6.83 0.45
N ASP A 106 -17.58 8.11 0.10
N ASP A 106 -17.59 8.12 0.11
CA ASP A 106 -17.28 9.23 1.01
CA ASP A 106 -17.28 9.23 1.02
C ASP A 106 -15.84 9.23 1.51
C ASP A 106 -15.83 9.24 1.52
N ILE A 107 -14.92 8.71 0.71
CA ILE A 107 -13.50 8.68 1.08
C ILE A 107 -12.89 10.06 0.83
N ARG A 108 -12.09 10.52 1.79
CA ARG A 108 -11.45 11.84 1.74
C ARG A 108 -10.60 11.96 0.47
N PRO A 109 -10.65 13.12 -0.21
CA PRO A 109 -9.99 13.24 -1.51
C PRO A 109 -8.52 12.83 -1.59
N ASP A 110 -7.72 13.14 -0.56
CA ASP A 110 -6.30 12.74 -0.57
C ASP A 110 -6.15 11.22 -0.53
N ILE A 111 -6.99 10.55 0.26
CA ILE A 111 -6.98 9.10 0.34
C ILE A 111 -7.51 8.49 -0.95
N ALA A 112 -8.60 9.06 -1.48
CA ALA A 112 -9.19 8.59 -2.73
C ALA A 112 -8.19 8.70 -3.89
N ASP A 113 -7.47 9.82 -3.97
CA ASP A 113 -6.43 10.00 -4.97
C ASP A 113 -5.39 8.88 -4.91
N ALA A 114 -4.84 8.64 -3.72
CA ALA A 114 -3.78 7.66 -3.54
C ALA A 114 -4.24 6.25 -3.90
N LEU A 115 -5.44 5.89 -3.46
CA LEU A 115 -5.96 4.55 -3.73
C LEU A 115 -6.30 4.37 -5.21
N ALA A 116 -6.87 5.41 -5.82
CA ALA A 116 -7.18 5.36 -7.25
C ALA A 116 -5.91 5.22 -8.08
N ARG A 117 -4.89 6.00 -7.74
CA ARG A 117 -3.63 5.94 -8.47
C ARG A 117 -2.97 4.57 -8.28
N GLY A 118 -2.98 4.06 -7.06
CA GLY A 118 -2.47 2.72 -6.78
C GLY A 118 -3.18 1.65 -7.58
N MET A 119 -4.50 1.72 -7.62
CA MET A 119 -5.30 0.75 -8.37
C MET A 119 -5.09 0.88 -9.87
N ALA A 120 -4.90 2.11 -10.37
CA ALA A 120 -4.49 2.30 -11.76
C ALA A 120 -3.15 1.61 -12.01
N GLY A 121 -2.24 1.72 -11.04
CA GLY A 121 -0.96 1.03 -11.10
C GLY A 121 -1.11 -0.47 -11.23
N LEU A 122 -2.02 -1.04 -10.45
CA LEU A 122 -2.30 -2.49 -10.49
C LEU A 122 -2.94 -2.90 -11.81
N ALA A 123 -3.84 -2.06 -12.32
CA ALA A 123 -4.50 -2.34 -13.60
C ALA A 123 -3.52 -2.35 -14.76
N PHE A 124 -2.63 -1.35 -14.82
CA PHE A 124 -1.86 -1.10 -16.04
C PHE A 124 -0.38 -1.43 -15.94
N GLY A 125 0.01 -2.09 -14.85
CA GLY A 125 1.38 -2.56 -14.69
C GLY A 125 2.36 -1.42 -14.50
N ARG A 126 1.95 -0.43 -13.72
CA ARG A 126 2.78 0.74 -13.43
C ARG A 126 3.18 0.73 -11.96
N THR A 127 4.36 0.22 -11.68
CA THR A 127 4.84 0.10 -10.31
C THR A 127 5.02 1.47 -9.64
N ASP A 128 5.33 2.49 -10.43
CA ASP A 128 5.44 3.87 -9.94
C ASP A 128 4.11 4.41 -9.42
N TRP A 129 3.00 3.93 -10.00
CA TRP A 129 1.67 4.29 -9.52
C TRP A 129 1.23 3.44 -8.33
N VAL A 130 1.57 2.15 -8.32
CA VAL A 130 1.26 1.28 -7.18
C VAL A 130 1.82 1.89 -5.89
N ALA A 131 2.98 2.53 -5.98
CA ALA A 131 3.61 3.22 -4.85
C ALA A 131 2.66 4.14 -4.08
N SER A 132 1.72 4.77 -4.78
CA SER A 132 0.79 5.68 -4.12
C SER A 132 0.00 5.01 -3.01
N MET A 133 -0.35 3.73 -3.16
CA MET A 133 -1.12 3.04 -2.12
C MET A 133 -0.22 2.31 -1.13
N LEU A 134 1.10 2.42 -1.29
CA LEU A 134 2.05 1.86 -0.32
C LEU A 134 2.60 2.92 0.65
N ASP A 135 2.07 4.13 0.55
CA ASP A 135 2.36 5.22 1.48
C ASP A 135 1.77 4.89 2.85
N PRO A 136 2.59 4.84 3.91
CA PRO A 136 2.03 4.53 5.25
C PRO A 136 0.89 5.45 5.70
N GLN A 137 0.91 6.71 5.27
CA GLN A 137 -0.16 7.66 5.63
C GLN A 137 -1.50 7.27 4.99
N ILE A 138 -1.46 6.47 3.93
CA ILE A 138 -2.66 5.97 3.28
C ILE A 138 -3.01 4.58 3.82
N MET A 139 -2.01 3.69 3.87
CA MET A 139 -2.25 2.32 4.33
C MET A 139 -2.80 2.24 5.76
N ARG A 140 -2.45 3.20 6.60
CA ARG A 140 -2.93 3.17 7.98
C ARG A 140 -4.46 3.26 8.09
N HIS A 141 -5.12 3.76 7.05
CA HIS A 141 -6.58 3.86 7.05
C HIS A 141 -7.30 2.52 6.89
N ILE A 142 -6.53 1.45 6.67
CA ILE A 142 -7.07 0.10 6.79
C ILE A 142 -7.80 -0.09 8.12
N TYR A 143 -7.30 0.51 9.20
CA TYR A 143 -7.94 0.39 10.52
C TYR A 143 -9.12 1.30 10.79
N THR A 144 -9.22 2.41 10.06
CA THR A 144 -10.22 3.43 10.33
C THR A 144 -11.41 3.43 9.37
N ASP A 145 -11.27 2.79 8.21
CA ASP A 145 -12.31 2.79 7.20
C ASP A 145 -12.46 1.40 6.60
N PRO A 146 -13.56 0.69 6.90
CA PRO A 146 -13.77 -0.63 6.33
C PRO A 146 -13.72 -0.67 4.80
N GLU A 147 -14.09 0.42 4.13
CA GLU A 147 -14.00 0.47 2.67
C GLU A 147 -12.53 0.47 2.20
N VAL A 148 -11.65 1.09 2.98
CA VAL A 148 -10.23 1.09 2.65
C VAL A 148 -9.64 -0.29 2.94
N ALA A 149 -10.00 -0.88 4.09
CA ALA A 149 -9.57 -2.25 4.41
C ALA A 149 -9.97 -3.22 3.29
N ARG A 150 -11.19 -3.04 2.77
CA ARG A 150 -11.70 -3.92 1.71
C ARG A 150 -10.90 -3.76 0.43
N ILE A 151 -10.52 -2.54 0.09
CA ILE A 151 -9.69 -2.30 -1.09
C ILE A 151 -8.36 -3.05 -0.97
N TYR A 152 -7.71 -2.92 0.18
CA TYR A 152 -6.45 -3.62 0.37
C TYR A 152 -6.61 -5.13 0.40
N SER A 153 -7.64 -5.65 1.06
CA SER A 153 -7.79 -7.10 1.13
C SER A 153 -8.13 -7.69 -0.22
N GLU A 154 -8.99 -7.01 -0.98
CA GLU A 154 -9.40 -7.53 -2.27
C GLU A 154 -8.33 -7.40 -3.35
N THR A 155 -7.37 -6.48 -3.14
CA THR A 155 -6.26 -6.33 -4.08
C THR A 155 -4.95 -6.93 -3.57
N ARG A 156 -4.99 -7.59 -2.41
CA ARG A 156 -3.77 -8.11 -1.80
C ARG A 156 -3.03 -9.07 -2.72
N ASP A 157 -3.72 -9.98 -3.37
CA ASP A 157 -3.05 -10.91 -4.27
C ASP A 157 -2.36 -10.19 -5.42
N MET A 158 -3.01 -9.15 -5.96
CA MET A 158 -2.39 -8.35 -7.02
C MET A 158 -1.15 -7.62 -6.51
N LEU A 159 -1.24 -7.08 -5.29
CA LEU A 159 -0.11 -6.41 -4.67
C LEU A 159 1.06 -7.34 -4.40
N ARG A 160 0.77 -8.54 -3.90
N ARG A 160 0.75 -8.53 -3.88
CA ARG A 160 1.82 -9.51 -3.65
CA ARG A 160 1.76 -9.56 -3.65
C ARG A 160 2.49 -9.92 -4.97
C ARG A 160 2.47 -9.89 -4.96
N ARG A 161 1.70 -10.05 -6.03
CA ARG A 161 2.25 -10.38 -7.35
C ARG A 161 3.21 -9.30 -7.85
N VAL A 162 2.81 -8.03 -7.76
N VAL A 162 2.79 -8.04 -7.77
CA VAL A 162 3.66 -6.95 -8.25
CA VAL A 162 3.63 -6.91 -8.18
C VAL A 162 4.95 -6.81 -7.42
C VAL A 162 4.96 -6.89 -7.43
N SER A 163 4.90 -7.20 -6.15
CA SER A 163 6.07 -7.19 -5.27
C SER A 163 6.93 -8.46 -5.39
N ASP A 164 6.57 -9.36 -6.31
CA ASP A 164 7.21 -10.69 -6.42
C ASP A 164 7.21 -11.41 -5.07
N TYR A 165 6.11 -11.24 -4.35
CA TYR A 165 5.85 -11.90 -3.07
C TYR A 165 6.81 -11.49 -1.94
N TYR A 166 7.44 -10.34 -2.09
CA TYR A 166 8.17 -9.72 -0.99
C TYR A 166 7.22 -9.16 0.08
N ILE A 167 6.02 -8.75 -0.34
CA ILE A 167 4.95 -8.45 0.59
C ILE A 167 4.29 -9.75 1.02
N SER A 168 4.34 -10.03 2.32
CA SER A 168 3.72 -11.22 2.91
C SER A 168 2.85 -10.90 4.12
N LEU A 169 2.86 -9.63 4.55
CA LEU A 169 1.97 -9.16 5.61
C LEU A 169 0.52 -9.40 5.23
N THR A 170 -0.31 -9.69 6.22
CA THR A 170 -1.75 -9.71 6.01
C THR A 170 -2.22 -8.26 5.87
N THR A 171 -3.44 -8.07 5.42
CA THR A 171 -4.01 -6.74 5.29
C THR A 171 -3.98 -5.99 6.62
N MET A 172 -4.41 -6.65 7.70
N MET A 172 -4.44 -6.67 7.68
CA MET A 172 -4.48 -5.98 8.98
CA MET A 172 -4.46 -6.09 9.02
C MET A 172 -3.09 -5.79 9.62
C MET A 172 -3.07 -5.73 9.51
N GLU A 173 -2.12 -6.65 9.30
CA GLU A 173 -0.73 -6.42 9.71
C GLU A 173 -0.16 -5.21 8.95
N LEU A 174 -0.46 -5.13 7.66
CA LEU A 174 0.00 -4.02 6.84
C LEU A 174 -0.51 -2.70 7.40
N GLY A 175 -1.81 -2.68 7.75
CA GLY A 175 -2.41 -1.48 8.34
C GLY A 175 -1.77 -1.08 9.65
N LYS A 176 -1.47 -2.07 10.49
CA LYS A 176 -0.84 -1.81 11.78
C LYS A 176 0.60 -1.29 11.63
N VAL A 177 1.37 -1.94 10.75
CA VAL A 177 2.73 -1.51 10.47
C VAL A 177 2.73 -0.09 9.91
N ALA A 178 1.81 0.19 8.99
CA ALA A 178 1.68 1.53 8.43
C ALA A 178 1.45 2.58 9.51
N ASP A 179 0.54 2.28 10.43
CA ASP A 179 0.20 3.22 11.49
C ASP A 179 1.38 3.47 12.43
N ILE A 180 2.09 2.40 12.78
CA ILE A 180 3.30 2.51 13.58
C ILE A 180 4.32 3.42 12.91
N ILE A 181 4.57 3.19 11.63
CA ILE A 181 5.55 3.98 10.90
C ILE A 181 5.14 5.44 10.80
N ALA A 182 3.88 5.68 10.43
CA ALA A 182 3.36 7.04 10.29
C ALA A 182 3.50 7.82 11.60
N GLU A 183 3.07 7.19 12.69
CA GLU A 183 3.14 7.81 14.02
C GLU A 183 4.58 8.05 14.46
N ALA A 184 5.43 7.06 14.22
CA ALA A 184 6.83 7.13 14.66
C ALA A 184 7.61 8.20 13.90
N LYS A 185 7.42 8.25 12.59
CA LYS A 185 8.13 9.22 11.76
C LYS A 185 7.75 10.64 12.15
N ALA A 186 6.46 10.87 12.40
CA ALA A 186 5.96 12.18 12.81
C ALA A 186 6.57 12.66 14.14
N LYS A 187 6.86 11.72 15.03
CA LYS A 187 7.45 12.04 16.34
C LYS A 187 8.98 11.92 16.38
N GLY A 188 9.58 11.56 15.24
CA GLY A 188 11.02 11.44 15.12
C GLY A 188 11.62 10.29 15.92
N GLU A 189 10.89 9.18 16.00
CA GLU A 189 11.39 8.03 16.77
C GLU A 189 12.60 7.42 16.08
N ASN A 190 13.52 6.90 16.89
CA ASN A 190 14.68 6.16 16.43
C ASN A 190 14.20 4.92 15.67
N PRO A 191 14.68 4.72 14.43
CA PRO A 191 14.31 3.51 13.69
C PRO A 191 14.55 2.19 14.42
N GLU A 192 15.54 2.13 15.29
CA GLU A 192 15.80 0.95 16.12
C GLU A 192 14.59 0.60 16.97
N VAL A 193 13.97 1.62 17.55
CA VAL A 193 12.77 1.43 18.36
C VAL A 193 11.59 1.02 17.48
N VAL A 194 11.43 1.67 16.33
CA VAL A 194 10.33 1.36 15.43
C VAL A 194 10.40 -0.08 14.95
N ALA A 195 11.60 -0.57 14.66
CA ALA A 195 11.79 -1.96 14.25
C ALA A 195 11.27 -2.90 15.34
N ARG A 196 11.55 -2.57 16.60
CA ARG A 196 11.06 -3.41 17.71
C ARG A 196 9.55 -3.32 17.88
N GLU A 197 8.97 -2.16 17.62
CA GLU A 197 7.50 -2.01 17.61
C GLU A 197 6.85 -2.90 16.55
N ILE A 198 7.46 -2.92 15.38
CA ILE A 198 6.95 -3.69 14.25
C ILE A 198 7.06 -5.19 14.55
N ALA A 199 8.22 -5.60 15.07
CA ALA A 199 8.41 -7.01 15.41
C ALA A 199 7.38 -7.47 16.45
N GLU A 200 7.09 -6.61 17.42
CA GLU A 200 6.08 -6.93 18.43
C GLU A 200 4.66 -6.96 17.86
N ALA A 201 4.39 -6.09 16.89
CA ALA A 201 3.06 -5.98 16.28
C ALA A 201 2.74 -7.13 15.34
N VAL A 202 3.77 -7.75 14.77
CA VAL A 202 3.61 -8.80 13.76
C VAL A 202 4.39 -10.05 14.17
N PRO A 203 3.95 -10.71 15.24
CA PRO A 203 4.65 -11.92 15.70
C PRO A 203 4.62 -13.09 14.73
N ARG A 204 3.66 -13.09 13.79
CA ARG A 204 3.54 -14.17 12.80
C ARG A 204 4.75 -14.27 11.87
N LEU A 205 5.42 -13.14 11.64
CA LEU A 205 6.55 -13.08 10.72
C LEU A 205 7.85 -12.82 11.46
N SER A 206 8.94 -13.37 10.95
CA SER A 206 10.26 -13.14 11.53
C SER A 206 10.73 -11.72 11.21
N PRO A 207 11.71 -11.21 11.97
CA PRO A 207 12.28 -9.92 11.61
C PRO A 207 12.86 -9.89 10.19
N LYS A 208 13.45 -10.99 9.73
CA LYS A 208 13.95 -11.05 8.35
C LYS A 208 12.82 -10.94 7.34
N SER A 209 11.70 -11.61 7.60
CA SER A 209 10.54 -11.50 6.72
C SER A 209 10.07 -10.05 6.71
N LEU A 210 10.00 -9.46 7.90
CA LEU A 210 9.54 -8.09 8.02
C LEU A 210 10.49 -7.13 7.28
N TYR A 211 11.80 -7.41 7.34
CA TYR A 211 12.77 -6.66 6.55
C TYR A 211 12.41 -6.63 5.07
N PHE A 212 12.16 -7.80 4.49
CA PHE A 212 11.87 -7.86 3.05
C PHE A 212 10.58 -7.12 2.70
N ASN A 213 9.59 -7.21 3.58
CA ASN A 213 8.36 -6.45 3.40
C ASN A 213 8.65 -4.95 3.36
N LEU A 214 9.37 -4.45 4.36
CA LEU A 214 9.61 -3.01 4.46
C LEU A 214 10.64 -2.52 3.46
N TYR A 215 11.58 -3.38 3.08
CA TYR A 215 12.54 -3.07 2.01
C TYR A 215 11.79 -2.80 0.72
N TYR A 216 10.86 -3.68 0.39
CA TYR A 216 10.07 -3.49 -0.81
C TYR A 216 9.26 -2.20 -0.76
N ILE A 217 8.55 -2.01 0.35
CA ILE A 217 7.70 -0.82 0.52
C ILE A 217 8.56 0.44 0.46
N GLY A 218 9.64 0.46 1.25
CA GLY A 218 10.52 1.62 1.34
C GLY A 218 11.15 2.01 0.02
N ARG A 219 11.60 1.02 -0.74
CA ARG A 219 12.17 1.26 -2.07
C ARG A 219 11.11 1.75 -3.05
N SER A 220 9.91 1.16 -2.98
N SER A 220 9.92 1.16 -2.97
CA SER A 220 8.82 1.54 -3.88
CA SER A 220 8.83 1.53 -3.87
C SER A 220 8.42 3.00 -3.71
C SER A 220 8.41 2.99 -3.71
N ILE A 221 8.27 3.43 -2.46
CA ILE A 221 7.83 4.79 -2.17
C ILE A 221 8.97 5.80 -2.00
N GLY A 222 10.21 5.31 -1.99
CA GLY A 222 11.38 6.18 -1.84
C GLY A 222 11.46 6.83 -0.47
N ASP A 223 11.28 6.02 0.58
CA ASP A 223 11.25 6.52 1.96
C ASP A 223 12.45 5.96 2.73
N ASN A 224 13.45 6.82 2.95
CA ASN A 224 14.67 6.38 3.62
C ASN A 224 14.45 6.01 5.09
N TYR A 225 13.45 6.60 5.73
CA TYR A 225 13.11 6.27 7.11
C TYR A 225 12.63 4.82 7.19
N VAL A 226 11.71 4.45 6.30
CA VAL A 226 11.25 3.07 6.21
C VAL A 226 12.41 2.12 5.92
N LEU A 227 13.33 2.53 5.05
CA LEU A 227 14.48 1.70 4.74
C LEU A 227 15.43 1.55 5.93
N GLU A 228 15.57 2.59 6.75
CA GLU A 228 16.36 2.51 7.99
C GLU A 228 15.74 1.49 8.95
N VAL A 229 14.42 1.55 9.11
CA VAL A 229 13.71 0.58 9.95
C VAL A 229 13.93 -0.83 9.40
N ALA A 230 13.80 -0.99 8.09
CA ALA A 230 14.02 -2.28 7.46
C ALA A 230 15.44 -2.80 7.76
N ARG A 231 16.44 -1.95 7.65
CA ARG A 231 17.82 -2.35 7.91
C ARG A 231 18.01 -2.87 9.34
N VAL A 232 17.36 -2.24 10.32
CA VAL A 232 17.44 -2.72 11.69
C VAL A 232 16.83 -4.12 11.78
N LEU A 233 15.67 -4.30 11.16
CA LEU A 233 15.01 -5.60 11.15
C LEU A 233 15.88 -6.70 10.54
N SER A 234 16.63 -6.36 9.48
N SER A 234 16.64 -6.35 9.49
CA SER A 234 17.50 -7.32 8.81
CA SER A 234 17.49 -7.31 8.80
C SER A 234 18.57 -7.89 9.75
C SER A 234 18.58 -7.89 9.73
N LYS A 235 19.01 -7.08 10.70
CA LYS A 235 20.07 -7.46 11.66
C LYS A 235 19.52 -8.12 12.95
N MET A 236 18.23 -7.98 13.20
CA MET A 236 17.62 -8.41 14.45
C MET A 236 17.46 -9.93 14.49
#